data_6BR9
#
_entry.id   6BR9
#
_cell.length_a   54.699
_cell.length_b   74.151
_cell.length_c   143.571
_cell.angle_alpha   90.00
_cell.angle_beta   90.00
_cell.angle_gamma   90.00
#
_symmetry.space_group_name_H-M   'C 2 2 21'
#
loop_
_entity.id
_entity.type
_entity.pdbx_description
1 polymer 'Protein A6 homolog'
2 non-polymer '[(2~{R})-1-[2-azanylethoxy(oxidanyl)phosphoryl]oxy-3-hexadecanoyloxy-propan-2-yl] (~{Z})-octadec-9-enoate'
3 non-polymer '(1R)-2-{[{[(2S)-2,3-DIHYDROXYPROPYL]OXY}(HYDROXY)PHOSPHORYL]OXY}-1-[(PALMITOYLOXY)METHYL]ETHYL (11E)-OCTADEC-11-ENOATE'
4 water water
#
_entity_poly.entity_id   1
_entity_poly.type   'polypeptide(L)'
_entity_poly.pdbx_seq_one_letter_code
;MGHHHHHHGSDSEVNQEAKPEVKPEVKPETHINLKVSDGSSEIFFKIKKTTPLRRLMEAFAKRQGKEMDSLRFLYDGIRI
QADQTPEDLDMEDNDIIEAHREQIGGHMSNMKKDTNEIVQDLKKILGIVSLIKSANNEHQAYKILMENNSFIIRTINKVL
ADSNYIIKIIALFNTDVVSDKIKLEEYKDVFSFSKENVIFGIKCFCDITIDGIDQINNKYVSFFKKVLPNIILFQTSCVK
TTQFVNIFSKLSSIVYSEILTNERLHVLFSEIMASFKTKVSVEDLKKRKVNNIQGLISEISNNREMYKNIFVEEYEKHKT
TLISIVQCITDNYNINYKENAVDIEFIFDFIQEHYISKL
;
_entity_poly.pdbx_strand_id   A
#
# COMPACT_ATOMS: atom_id res chain seq x y z
N LYS A 112 -13.12 5.45 11.46
CA LYS A 112 -14.06 6.27 12.22
C LYS A 112 -14.39 5.60 13.56
N LYS A 113 -15.55 4.94 13.63
CA LYS A 113 -15.95 4.25 14.85
C LYS A 113 -15.40 2.83 14.86
N ASP A 114 -16.03 1.93 14.12
CA ASP A 114 -15.65 0.52 14.15
C ASP A 114 -14.58 0.26 13.08
N THR A 115 -13.38 0.77 13.36
CA THR A 115 -12.18 0.29 12.69
C THR A 115 -11.77 -1.09 13.20
N ASN A 116 -12.60 -1.71 14.02
CA ASN A 116 -12.35 -3.08 14.46
C ASN A 116 -12.47 -4.06 13.30
N GLU A 117 -13.27 -3.73 12.28
CA GLU A 117 -13.40 -4.61 11.14
C GLU A 117 -12.17 -4.58 10.26
N ILE A 118 -11.39 -3.49 10.29
CA ILE A 118 -10.17 -3.43 9.50
C ILE A 118 -9.10 -4.37 10.07
N VAL A 119 -8.98 -4.46 11.39
CA VAL A 119 -7.94 -5.32 11.95
C VAL A 119 -8.29 -6.79 11.74
N GLN A 120 -9.57 -7.14 11.79
CA GLN A 120 -9.96 -8.52 11.48
C GLN A 120 -9.54 -8.87 10.06
N ASP A 121 -9.88 -8.02 9.08
CA ASP A 121 -9.43 -8.25 7.71
C ASP A 121 -7.90 -8.23 7.61
N LEU A 122 -7.24 -7.46 8.47
CA LEU A 122 -5.78 -7.44 8.45
C LEU A 122 -5.21 -8.72 9.05
N LYS A 123 -5.86 -9.25 10.10
CA LYS A 123 -5.42 -10.54 10.64
C LYS A 123 -5.52 -11.64 9.59
N LYS A 124 -6.68 -11.79 8.94
CA LYS A 124 -6.83 -12.88 7.98
C LYS A 124 -5.84 -12.73 6.81
N ILE A 125 -5.64 -11.49 6.34
CA ILE A 125 -4.66 -11.26 5.27
C ILE A 125 -3.27 -11.67 5.72
N LEU A 126 -2.90 -11.32 6.96
CA LEU A 126 -1.60 -11.73 7.47
C LEU A 126 -1.58 -13.20 7.86
N GLY A 127 -2.74 -13.79 8.16
CA GLY A 127 -2.79 -15.22 8.34
C GLY A 127 -2.69 -15.98 7.02
N ILE A 128 -3.17 -15.38 5.94
CA ILE A 128 -3.09 -16.01 4.62
C ILE A 128 -1.66 -15.99 4.11
N VAL A 129 -0.97 -14.85 4.26
CA VAL A 129 0.39 -14.75 3.74
C VAL A 129 1.37 -15.59 4.57
N SER A 130 1.10 -15.78 5.86
CA SER A 130 1.97 -16.63 6.67
C SER A 130 1.88 -18.08 6.23
N LEU A 131 0.68 -18.59 6.11
CA LEU A 131 0.47 -19.93 5.57
C LEU A 131 0.72 -19.92 4.06
N TYR A 142 -0.18 -20.48 -4.06
CA TYR A 142 -1.38 -20.58 -4.88
C TYR A 142 -2.52 -21.34 -4.18
N LYS A 143 -2.18 -22.52 -3.63
CA LYS A 143 -3.19 -23.38 -3.02
C LYS A 143 -4.03 -22.61 -1.99
N ILE A 144 -3.36 -21.86 -1.12
CA ILE A 144 -4.08 -21.05 -0.15
C ILE A 144 -5.03 -20.08 -0.85
N LEU A 145 -4.56 -19.42 -1.92
CA LEU A 145 -5.34 -18.36 -2.56
C LEU A 145 -6.70 -18.85 -3.03
N MET A 146 -6.82 -20.11 -3.46
CA MET A 146 -8.08 -20.63 -3.95
C MET A 146 -9.09 -20.84 -2.82
N GLU A 147 -8.60 -21.23 -1.63
CA GLU A 147 -9.52 -21.44 -0.52
C GLU A 147 -9.98 -20.10 0.05
N ASN A 148 -9.19 -19.04 -0.12
CA ASN A 148 -9.54 -17.74 0.41
C ASN A 148 -10.03 -16.77 -0.67
N ASN A 149 -10.37 -17.26 -1.86
CA ASN A 149 -10.74 -16.34 -2.94
C ASN A 149 -12.05 -15.64 -2.62
N SER A 150 -12.95 -16.29 -1.89
CA SER A 150 -14.14 -15.60 -1.40
C SER A 150 -13.74 -14.45 -0.49
N PHE A 151 -12.80 -14.69 0.44
CA PHE A 151 -12.41 -13.60 1.31
C PHE A 151 -11.72 -12.51 0.54
N ILE A 152 -10.89 -12.86 -0.45
CA ILE A 152 -10.16 -11.84 -1.21
C ILE A 152 -11.12 -11.03 -2.07
N ILE A 153 -12.11 -11.68 -2.68
CA ILE A 153 -13.05 -10.98 -3.54
C ILE A 153 -13.94 -10.05 -2.71
N ARG A 154 -14.51 -10.55 -1.62
CA ARG A 154 -15.40 -9.72 -0.80
C ARG A 154 -14.65 -8.52 -0.23
N THR A 155 -13.39 -8.70 0.18
CA THR A 155 -12.66 -7.62 0.80
C THR A 155 -12.37 -6.50 -0.19
N ILE A 156 -11.99 -6.86 -1.43
CA ILE A 156 -11.69 -5.86 -2.43
C ILE A 156 -12.93 -5.05 -2.79
N ASN A 157 -14.05 -5.74 -3.03
CA ASN A 157 -15.29 -5.04 -3.38
C ASN A 157 -15.75 -4.15 -2.23
N LYS A 158 -15.59 -4.62 -1.00
CA LYS A 158 -16.00 -3.82 0.15
C LYS A 158 -15.11 -2.59 0.29
N VAL A 159 -13.79 -2.77 0.16
CA VAL A 159 -12.87 -1.65 0.22
C VAL A 159 -13.16 -0.64 -0.88
N LEU A 160 -13.40 -1.13 -2.11
CA LEU A 160 -13.60 -0.22 -3.24
C LEU A 160 -14.94 0.52 -3.15
N ALA A 161 -15.91 -0.04 -2.45
CA ALA A 161 -17.21 0.59 -2.35
C ALA A 161 -17.33 1.52 -1.16
N ASP A 162 -16.32 1.57 -0.30
CA ASP A 162 -16.33 2.39 0.90
C ASP A 162 -15.45 3.61 0.62
N SER A 163 -16.10 4.72 0.30
CA SER A 163 -15.37 5.91 -0.11
C SER A 163 -14.53 6.50 1.03
N ASN A 164 -14.81 6.12 2.28
CA ASN A 164 -14.06 6.59 3.44
C ASN A 164 -13.02 5.59 3.95
N TYR A 165 -12.62 4.61 3.13
CA TYR A 165 -11.74 3.55 3.66
C TYR A 165 -10.37 4.06 4.08
N ILE A 166 -9.75 4.96 3.31
CA ILE A 166 -8.45 5.49 3.71
C ILE A 166 -8.55 6.21 5.04
N ILE A 167 -9.66 6.91 5.28
CA ILE A 167 -9.83 7.70 6.50
C ILE A 167 -10.01 6.80 7.72
N LYS A 168 -10.70 5.66 7.55
CA LYS A 168 -10.73 4.68 8.63
C LYS A 168 -9.34 4.13 8.95
N ILE A 169 -8.50 3.92 7.92
CA ILE A 169 -7.15 3.47 8.20
C ILE A 169 -6.37 4.54 8.96
N ILE A 170 -6.52 5.80 8.52
CA ILE A 170 -5.91 6.91 9.26
C ILE A 170 -6.36 6.91 10.71
N ALA A 171 -7.67 6.80 10.95
CA ALA A 171 -8.19 6.85 12.32
C ALA A 171 -7.72 5.68 13.19
N LEU A 172 -7.24 4.59 12.57
CA LEU A 172 -6.74 3.48 13.35
C LEU A 172 -5.44 3.87 14.05
N PHE A 173 -4.58 4.60 13.35
CA PHE A 173 -3.30 5.06 13.83
C PHE A 173 -3.35 6.45 14.44
N ASN A 174 -4.37 7.24 14.13
CA ASN A 174 -4.59 8.53 14.78
C ASN A 174 -5.89 8.42 15.57
N THR A 175 -5.79 7.78 16.74
CA THR A 175 -6.95 7.63 17.62
C THR A 175 -7.52 8.99 18.02
N ASP A 176 -6.68 10.02 18.10
CA ASP A 176 -7.14 11.37 18.43
C ASP A 176 -8.17 11.90 17.42
N VAL A 177 -8.07 11.48 16.15
CA VAL A 177 -8.92 12.04 15.09
C VAL A 177 -10.39 11.74 15.33
N VAL A 178 -10.72 10.59 15.95
CA VAL A 178 -12.11 10.27 16.22
C VAL A 178 -12.78 11.32 17.10
N SER A 179 -12.01 12.03 17.92
CA SER A 179 -12.56 13.07 18.77
C SER A 179 -12.37 14.48 18.19
N ASP A 180 -12.02 14.59 16.90
CA ASP A 180 -11.84 15.88 16.23
C ASP A 180 -12.69 15.87 14.96
N LYS A 181 -13.97 16.24 15.11
CA LYS A 181 -14.89 16.23 13.97
C LYS A 181 -14.34 17.04 12.79
N ILE A 182 -13.71 18.18 13.05
CA ILE A 182 -13.30 19.09 11.98
C ILE A 182 -12.21 18.45 11.12
N LYS A 183 -11.11 18.03 11.76
CA LYS A 183 -10.01 17.40 11.02
C LYS A 183 -10.45 16.14 10.32
N LEU A 184 -11.38 15.40 10.92
CA LEU A 184 -11.94 14.22 10.27
C LEU A 184 -12.63 14.58 8.96
N GLU A 185 -13.47 15.61 8.98
CA GLU A 185 -14.12 16.09 7.77
C GLU A 185 -13.12 16.59 6.75
N GLU A 186 -12.10 17.32 7.20
CA GLU A 186 -11.03 17.74 6.29
C GLU A 186 -10.45 16.55 5.54
N TYR A 187 -10.20 15.45 6.26
CA TYR A 187 -9.61 14.27 5.65
C TYR A 187 -10.49 13.71 4.53
N LYS A 188 -11.81 13.79 4.69
CA LYS A 188 -12.72 13.33 3.64
C LYS A 188 -12.50 14.10 2.36
N ASP A 189 -12.11 15.37 2.47
CA ASP A 189 -11.89 16.16 1.27
C ASP A 189 -10.68 15.67 0.50
N VAL A 190 -9.69 15.13 1.20
CA VAL A 190 -8.43 14.76 0.57
C VAL A 190 -8.42 13.29 0.20
N PHE A 191 -8.83 12.42 1.13
CA PHE A 191 -8.61 10.99 1.04
C PHE A 191 -9.83 10.19 0.65
N SER A 192 -11.00 10.80 0.51
CA SER A 192 -12.13 10.02 0.09
C SER A 192 -12.11 9.87 -1.43
N PHE A 193 -12.50 8.70 -1.91
CA PHE A 193 -12.46 8.37 -3.31
C PHE A 193 -13.86 7.90 -3.72
N SER A 194 -14.37 8.45 -4.81
CA SER A 194 -15.65 8.01 -5.30
C SER A 194 -15.50 6.74 -6.14
N LYS A 195 -16.63 6.12 -6.44
CA LYS A 195 -16.65 5.02 -7.39
C LYS A 195 -16.07 5.46 -8.73
N GLU A 196 -16.34 6.71 -9.14
CA GLU A 196 -15.79 7.23 -10.38
C GLU A 196 -14.28 7.34 -10.32
N ASN A 197 -13.73 7.81 -9.18
CA ASN A 197 -12.29 7.85 -9.01
C ASN A 197 -11.67 6.47 -9.23
N VAL A 198 -12.30 5.43 -8.69
CA VAL A 198 -11.75 4.08 -8.82
C VAL A 198 -11.75 3.63 -10.28
N ILE A 199 -12.80 3.98 -11.02
CA ILE A 199 -12.88 3.63 -12.45
C ILE A 199 -11.80 4.37 -13.22
N PHE A 200 -11.65 5.66 -12.94
CA PHE A 200 -10.60 6.45 -13.58
C PHE A 200 -9.21 5.90 -13.25
N GLY A 201 -9.00 5.47 -12.01
CA GLY A 201 -7.71 4.89 -11.65
C GLY A 201 -7.43 3.59 -12.38
N ILE A 202 -8.44 2.73 -12.49
CA ILE A 202 -8.31 1.49 -13.25
C ILE A 202 -7.98 1.79 -14.71
N LYS A 203 -8.68 2.76 -15.30
CA LYS A 203 -8.38 3.19 -16.66
C LYS A 203 -6.94 3.70 -16.77
N CYS A 204 -6.51 4.55 -15.84
CA CYS A 204 -5.13 5.05 -15.88
C CYS A 204 -4.13 3.93 -15.67
N PHE A 205 -4.49 2.93 -14.85
CA PHE A 205 -3.59 1.82 -14.60
C PHE A 205 -3.34 1.01 -15.86
N CYS A 206 -4.31 0.99 -16.78
CA CYS A 206 -4.13 0.26 -18.03
C CYS A 206 -3.35 1.02 -19.09
N ASP A 207 -3.00 2.28 -18.86
CA ASP A 207 -2.09 2.95 -19.81
C ASP A 207 -0.61 2.70 -19.49
N ILE A 208 -0.32 1.77 -18.57
CA ILE A 208 1.05 1.40 -18.23
C ILE A 208 1.48 0.27 -19.15
N THR A 209 2.70 0.36 -19.71
CA THR A 209 3.28 -0.73 -20.47
C THR A 209 4.64 -1.08 -19.90
N ILE A 210 4.97 -2.37 -19.96
CA ILE A 210 6.26 -2.86 -19.50
C ILE A 210 6.92 -3.65 -20.62
N ASP A 211 7.44 -2.94 -21.62
CA ASP A 211 8.02 -3.63 -22.78
C ASP A 211 9.35 -4.30 -22.47
N GLY A 212 9.81 -4.27 -21.23
CA GLY A 212 11.01 -4.97 -20.81
C GLY A 212 10.78 -6.36 -20.27
N ILE A 213 9.56 -6.89 -20.35
CA ILE A 213 9.29 -8.28 -19.96
C ILE A 213 8.33 -8.95 -20.95
N LYS A 219 1.62 -18.66 -14.97
CA LYS A 219 1.80 -19.01 -13.57
C LYS A 219 0.60 -18.49 -12.75
N TYR A 220 0.86 -17.58 -11.80
CA TYR A 220 -0.15 -16.96 -10.94
C TYR A 220 -1.10 -16.04 -11.68
N VAL A 221 -0.85 -15.79 -12.96
CA VAL A 221 -1.79 -15.08 -13.81
C VAL A 221 -3.18 -15.68 -13.65
N SER A 222 -3.26 -16.99 -13.41
CA SER A 222 -4.54 -17.68 -13.38
C SER A 222 -5.42 -17.17 -12.24
N PHE A 223 -4.88 -17.11 -11.03
CA PHE A 223 -5.67 -16.64 -9.90
C PHE A 223 -6.18 -15.22 -10.13
N PHE A 224 -5.32 -14.32 -10.60
CA PHE A 224 -5.77 -12.98 -10.95
C PHE A 224 -6.89 -13.01 -11.97
N LYS A 225 -6.75 -13.84 -13.02
CA LYS A 225 -7.74 -13.83 -14.08
C LYS A 225 -9.05 -14.47 -13.67
N LYS A 226 -9.13 -15.04 -12.46
CA LYS A 226 -10.37 -15.57 -11.93
C LYS A 226 -10.90 -14.80 -10.74
N VAL A 227 -10.10 -13.92 -10.15
CA VAL A 227 -10.61 -13.01 -9.13
C VAL A 227 -11.11 -11.72 -9.77
N LEU A 228 -10.30 -11.11 -10.62
CA LEU A 228 -10.63 -9.81 -11.19
C LEU A 228 -11.98 -9.77 -11.91
N PRO A 229 -12.45 -10.83 -12.57
CA PRO A 229 -13.82 -10.78 -13.09
C PRO A 229 -14.86 -10.60 -12.01
N ASN A 230 -14.56 -10.95 -10.77
CA ASN A 230 -15.56 -10.86 -9.70
C ASN A 230 -15.50 -9.53 -8.98
N ILE A 231 -14.67 -8.60 -9.46
CA ILE A 231 -14.52 -7.28 -8.87
C ILE A 231 -15.52 -6.35 -9.55
N ILE A 232 -16.59 -6.01 -8.83
CA ILE A 232 -17.71 -5.24 -9.39
C ILE A 232 -17.20 -4.03 -10.17
N LEU A 233 -16.36 -3.20 -9.53
CA LEU A 233 -15.91 -1.96 -10.15
C LEU A 233 -14.89 -2.19 -11.27
N PHE A 234 -14.25 -3.34 -11.31
CA PHE A 234 -13.41 -3.67 -12.46
C PHE A 234 -14.26 -4.02 -13.68
N GLN A 235 -15.54 -4.34 -13.48
CA GLN A 235 -16.47 -4.57 -14.56
C GLN A 235 -17.15 -3.29 -15.03
N THR A 236 -17.39 -2.33 -14.12
CA THR A 236 -18.00 -1.07 -14.53
C THR A 236 -17.10 -0.33 -15.52
N SER A 237 -15.78 -0.50 -15.40
CA SER A 237 -14.82 -0.01 -16.39
C SER A 237 -14.64 -0.99 -17.54
N CYS A 238 -14.46 -2.27 -17.22
CA CYS A 238 -14.40 -3.37 -18.21
C CYS A 238 -13.31 -3.13 -19.24
N VAL A 239 -12.12 -2.76 -18.77
CA VAL A 239 -10.95 -2.79 -19.62
C VAL A 239 -10.73 -4.23 -20.09
N LYS A 240 -9.94 -4.39 -21.15
CA LYS A 240 -9.58 -5.74 -21.55
C LYS A 240 -8.94 -6.44 -20.36
N THR A 241 -9.66 -7.41 -19.78
CA THR A 241 -9.19 -8.03 -18.55
C THR A 241 -7.86 -8.74 -18.73
N THR A 242 -7.58 -9.25 -19.93
CA THR A 242 -6.27 -9.82 -20.22
C THR A 242 -5.18 -8.76 -20.22
N GLN A 243 -5.50 -7.56 -20.70
CA GLN A 243 -4.56 -6.44 -20.65
C GLN A 243 -4.31 -6.02 -19.21
N PHE A 244 -5.38 -5.91 -18.42
CA PHE A 244 -5.24 -5.59 -17.01
C PHE A 244 -4.51 -6.69 -16.25
N VAL A 245 -4.91 -7.95 -16.46
CA VAL A 245 -4.24 -9.05 -15.77
C VAL A 245 -2.75 -9.05 -16.09
N ASN A 246 -2.40 -8.82 -17.35
CA ASN A 246 -0.99 -8.85 -17.75
C ASN A 246 -0.18 -7.77 -17.02
N ILE A 247 -0.70 -6.54 -16.98
CA ILE A 247 0.05 -5.44 -16.39
C ILE A 247 0.09 -5.59 -14.87
N PHE A 248 -1.02 -6.01 -14.26
CA PHE A 248 -1.00 -6.32 -12.83
C PHE A 248 -0.06 -7.48 -12.53
N SER A 249 -0.01 -8.47 -13.43
CA SER A 249 0.85 -9.64 -13.20
C SER A 249 2.31 -9.27 -13.30
N LYS A 250 2.68 -8.46 -14.30
CA LYS A 250 4.07 -8.04 -14.45
C LYS A 250 4.52 -7.22 -13.25
N LEU A 251 3.81 -6.13 -12.94
CA LEU A 251 4.14 -5.32 -11.78
C LEU A 251 4.31 -6.18 -10.55
N SER A 252 3.38 -7.13 -10.35
CA SER A 252 3.42 -7.96 -9.15
C SER A 252 4.67 -8.83 -9.13
N SER A 253 5.13 -9.31 -10.28
CA SER A 253 6.33 -10.13 -10.26
C SER A 253 7.60 -9.29 -10.11
N ILE A 254 7.61 -8.08 -10.65
CA ILE A 254 8.73 -7.17 -10.45
C ILE A 254 8.87 -6.82 -8.98
N VAL A 255 7.77 -6.45 -8.34
CA VAL A 255 7.81 -6.03 -6.94
C VAL A 255 8.31 -7.17 -6.06
N TYR A 256 7.84 -8.39 -6.30
CA TYR A 256 8.29 -9.54 -5.50
C TYR A 256 9.76 -9.85 -5.76
N SER A 257 10.19 -9.80 -7.01
CA SER A 257 11.56 -10.18 -7.34
C SER A 257 12.56 -9.20 -6.77
N GLU A 258 12.24 -7.90 -6.84
CA GLU A 258 13.14 -6.88 -6.33
C GLU A 258 13.22 -6.94 -4.81
N ILE A 259 12.06 -7.08 -4.15
CA ILE A 259 12.06 -7.26 -2.70
C ILE A 259 12.91 -8.46 -2.31
N LEU A 260 12.86 -9.52 -3.12
CA LEU A 260 13.63 -10.73 -2.81
C LEU A 260 15.11 -10.57 -3.13
N THR A 261 15.47 -9.83 -4.19
CA THR A 261 16.83 -9.90 -4.72
C THR A 261 17.57 -8.58 -4.90
N ASN A 262 16.91 -7.43 -4.87
CA ASN A 262 17.63 -6.18 -5.11
C ASN A 262 18.55 -5.89 -3.91
N GLU A 263 19.84 -5.96 -4.15
CA GLU A 263 20.85 -5.76 -3.11
C GLU A 263 20.80 -4.34 -2.53
N ARG A 264 20.67 -3.33 -3.39
CA ARG A 264 20.57 -1.93 -2.94
C ARG A 264 19.39 -1.74 -2.02
N LEU A 265 18.26 -2.34 -2.37
CA LEU A 265 17.08 -2.27 -1.52
C LEU A 265 17.29 -2.98 -0.17
N HIS A 266 18.00 -4.11 -0.18
CA HIS A 266 18.32 -4.76 1.10
C HIS A 266 19.29 -3.93 1.93
N VAL A 267 20.30 -3.31 1.31
CA VAL A 267 21.20 -2.44 2.07
C VAL A 267 20.43 -1.26 2.65
N LEU A 268 19.50 -0.71 1.87
CA LEU A 268 18.70 0.42 2.34
C LEU A 268 17.83 0.03 3.53
N PHE A 269 17.12 -1.10 3.43
CA PHE A 269 16.30 -1.58 4.52
C PHE A 269 17.15 -1.80 5.77
N SER A 270 18.33 -2.40 5.60
CA SER A 270 19.18 -2.65 6.77
C SER A 270 19.63 -1.35 7.41
N GLU A 271 19.91 -0.32 6.60
CA GLU A 271 20.30 0.95 7.19
C GLU A 271 19.14 1.61 7.93
N ILE A 272 17.93 1.49 7.40
CA ILE A 272 16.76 2.01 8.11
C ILE A 272 16.57 1.26 9.41
N MET A 273 16.64 -0.06 9.35
CA MET A 273 16.43 -0.88 10.53
C MET A 273 17.43 -0.53 11.62
N ALA A 274 18.71 -0.43 11.27
CA ALA A 274 19.71 -0.09 12.28
C ALA A 274 19.45 1.30 12.88
N SER A 275 19.02 2.25 12.06
CA SER A 275 18.73 3.58 12.60
C SER A 275 17.54 3.55 13.54
N PHE A 276 16.45 2.88 13.13
CA PHE A 276 15.30 2.67 14.00
C PHE A 276 15.69 2.15 15.37
N LYS A 277 16.70 1.30 15.42
CA LYS A 277 17.04 0.60 16.64
C LYS A 277 17.87 1.46 17.58
N THR A 278 18.56 2.48 17.09
CA THR A 278 19.13 3.44 18.01
C THR A 278 18.08 4.37 18.63
N LYS A 279 16.86 4.43 18.07
CA LYS A 279 15.81 5.31 18.58
C LYS A 279 14.78 4.61 19.46
N VAL A 280 14.67 3.29 19.35
CA VAL A 280 13.58 2.52 19.94
C VAL A 280 14.16 1.15 20.30
N SER A 281 13.88 0.68 21.52
CA SER A 281 14.40 -0.61 21.99
C SER A 281 13.48 -1.73 21.52
N VAL A 282 13.90 -2.46 20.50
CA VAL A 282 13.08 -3.52 19.94
C VAL A 282 12.91 -4.65 20.95
N GLU A 283 13.96 -4.93 21.73
CA GLU A 283 13.83 -5.90 22.82
C GLU A 283 12.74 -5.47 23.80
N ASP A 284 12.70 -4.20 24.19
CA ASP A 284 11.71 -3.81 25.17
C ASP A 284 10.30 -3.84 24.58
N LEU A 285 10.16 -3.53 23.29
CA LEU A 285 8.87 -3.63 22.62
C LEU A 285 8.33 -5.06 22.70
N LYS A 286 9.17 -6.05 22.42
CA LYS A 286 8.69 -7.41 22.56
C LYS A 286 8.48 -7.82 24.02
N LYS A 287 9.17 -7.18 24.97
CA LYS A 287 8.90 -7.46 26.37
C LYS A 287 7.51 -7.00 26.77
N ARG A 288 7.02 -5.92 26.14
CA ARG A 288 5.74 -5.32 26.45
C ARG A 288 4.63 -5.83 25.53
N LYS A 289 4.82 -7.00 24.92
CA LYS A 289 3.79 -7.65 24.10
C LYS A 289 3.44 -6.85 22.84
N VAL A 290 4.39 -6.07 22.31
CA VAL A 290 4.22 -5.48 21.00
C VAL A 290 4.64 -6.49 19.95
N ASN A 291 3.89 -7.59 19.84
CA ASN A 291 4.21 -8.58 18.81
C ASN A 291 2.98 -9.07 18.06
N ASN A 292 1.82 -8.45 18.27
CA ASN A 292 0.65 -8.68 17.45
C ASN A 292 0.36 -7.42 16.62
N ILE A 293 -0.54 -7.54 15.64
CA ILE A 293 -0.86 -6.33 14.90
C ILE A 293 -1.69 -5.36 15.75
N GLN A 294 -2.52 -5.88 16.67
CA GLN A 294 -3.23 -4.98 17.57
C GLN A 294 -2.29 -4.23 18.50
N GLY A 295 -1.30 -4.94 19.06
CA GLY A 295 -0.28 -4.27 19.87
C GLY A 295 0.59 -3.34 19.05
N LEU A 296 0.77 -3.64 17.77
CA LEU A 296 1.55 -2.78 16.90
C LEU A 296 0.79 -1.49 16.59
N ILE A 297 -0.52 -1.61 16.30
CA ILE A 297 -1.35 -0.44 16.06
C ILE A 297 -1.43 0.43 17.30
N SER A 298 -1.57 -0.20 18.46
CA SER A 298 -1.69 0.57 19.69
C SER A 298 -0.37 1.24 20.06
N GLU A 299 0.76 0.58 19.81
CA GLU A 299 2.06 1.22 20.04
C GLU A 299 2.25 2.46 19.16
N ILE A 300 1.95 2.33 17.87
CA ILE A 300 2.07 3.46 16.98
C ILE A 300 1.11 4.57 17.35
N SER A 301 -0.17 4.24 17.51
CA SER A 301 -1.16 5.28 17.75
C SER A 301 -1.01 5.97 19.12
N ASN A 302 -0.46 5.33 20.12
CA ASN A 302 -0.16 6.07 21.36
C ASN A 302 1.19 6.77 21.35
N ASN A 303 2.00 6.56 20.32
CA ASN A 303 3.30 7.17 20.16
C ASN A 303 3.40 7.84 18.79
N ARG A 304 2.31 8.52 18.41
CA ARG A 304 2.10 8.91 17.02
C ARG A 304 3.10 9.95 16.55
N GLU A 305 3.28 11.02 17.33
CA GLU A 305 4.25 12.05 16.97
C GLU A 305 5.65 11.44 16.75
N MET A 306 6.04 10.49 17.60
CA MET A 306 7.41 9.98 17.52
C MET A 306 7.60 9.14 16.27
N TYR A 307 6.66 8.21 16.00
CA TYR A 307 6.80 7.37 14.83
C TYR A 307 6.64 8.15 13.55
N LYS A 308 5.83 9.22 13.59
CA LYS A 308 5.76 10.14 12.47
C LYS A 308 7.12 10.79 12.23
N ASN A 309 7.73 11.35 13.28
CA ASN A 309 9.05 11.99 13.14
C ASN A 309 10.11 10.98 12.65
N ILE A 310 10.04 9.73 13.10
CA ILE A 310 11.00 8.74 12.63
C ILE A 310 10.76 8.45 11.15
N PHE A 311 9.50 8.32 10.75
CA PHE A 311 9.23 8.12 9.33
C PHE A 311 9.80 9.27 8.50
N VAL A 312 9.59 10.52 8.94
CA VAL A 312 10.03 11.66 8.15
C VAL A 312 11.55 11.72 8.09
N GLU A 313 12.21 11.47 9.22
CA GLU A 313 13.66 11.62 9.24
C GLU A 313 14.32 10.53 8.41
N GLU A 314 13.78 9.31 8.50
CA GLU A 314 14.33 8.22 7.69
C GLU A 314 14.08 8.44 6.20
N TYR A 315 12.90 8.94 5.84
CA TYR A 315 12.58 9.14 4.44
C TYR A 315 13.46 10.25 3.85
N GLU A 316 13.60 11.37 4.57
CA GLU A 316 14.43 12.47 4.08
C GLU A 316 15.91 12.11 4.06
N LYS A 317 16.37 11.28 5.00
CA LYS A 317 17.78 10.92 5.00
C LYS A 317 18.13 9.98 3.85
N HIS A 318 17.19 9.14 3.44
CA HIS A 318 17.45 8.09 2.47
C HIS A 318 16.78 8.33 1.14
N LYS A 319 16.17 9.51 0.97
CA LYS A 319 15.36 9.78 -0.21
C LYS A 319 16.16 9.65 -1.49
N THR A 320 17.41 10.16 -1.51
CA THR A 320 18.18 10.10 -2.74
C THR A 320 18.32 8.65 -3.21
N THR A 321 18.60 7.75 -2.29
CA THR A 321 18.85 6.37 -2.72
C THR A 321 17.52 5.64 -3.01
N LEU A 322 16.45 5.92 -2.23
CA LEU A 322 15.15 5.30 -2.51
C LEU A 322 14.65 5.65 -3.91
N ILE A 323 14.60 6.94 -4.24
CA ILE A 323 14.19 7.37 -5.58
C ILE A 323 15.07 6.69 -6.63
N SER A 324 16.38 6.63 -6.37
CA SER A 324 17.31 6.06 -7.34
C SER A 324 17.06 4.57 -7.54
N ILE A 325 16.88 3.82 -6.46
CA ILE A 325 16.56 2.39 -6.59
C ILE A 325 15.30 2.20 -7.42
N VAL A 326 14.25 2.95 -7.12
CA VAL A 326 12.97 2.72 -7.77
C VAL A 326 12.99 3.21 -9.21
N GLN A 327 13.59 4.38 -9.46
CA GLN A 327 13.80 4.86 -10.83
C GLN A 327 14.60 3.87 -11.67
N CYS A 328 15.59 3.21 -11.07
CA CYS A 328 16.39 2.24 -11.84
C CYS A 328 15.58 1.01 -12.19
N ILE A 329 14.80 0.48 -11.23
CA ILE A 329 13.92 -0.64 -11.51
C ILE A 329 12.99 -0.33 -12.67
N THR A 330 12.40 0.88 -12.69
CA THR A 330 11.46 1.24 -13.76
C THR A 330 12.18 1.39 -15.09
N ASP A 331 13.33 2.06 -15.10
CA ASP A 331 14.15 2.14 -16.30
C ASP A 331 14.57 0.75 -16.78
N ASN A 332 14.99 -0.12 -15.86
CA ASN A 332 15.47 -1.44 -16.24
C ASN A 332 14.40 -2.24 -16.97
N TYR A 333 13.22 -2.36 -16.36
CA TYR A 333 12.11 -3.09 -16.96
C TYR A 333 11.38 -2.27 -18.03
N ASN A 334 11.91 -1.10 -18.38
CA ASN A 334 11.33 -0.21 -19.38
C ASN A 334 9.83 -0.04 -19.18
N ILE A 335 9.48 0.44 -17.99
CA ILE A 335 8.09 0.64 -17.61
C ILE A 335 7.67 2.03 -18.07
N ASN A 336 6.59 2.10 -18.84
CA ASN A 336 6.09 3.36 -19.36
C ASN A 336 4.65 3.62 -18.94
N TYR A 337 4.30 4.90 -18.87
CA TYR A 337 2.93 5.37 -18.63
C TYR A 337 2.51 6.26 -19.79
N LYS A 338 1.50 5.84 -20.54
CA LYS A 338 1.10 6.51 -21.77
C LYS A 338 2.32 6.76 -22.66
N GLU A 339 3.21 5.76 -22.71
CA GLU A 339 4.36 5.72 -23.60
C GLU A 339 5.42 6.77 -23.26
N ASN A 340 5.38 7.33 -22.06
CA ASN A 340 6.47 8.12 -21.50
C ASN A 340 7.09 7.39 -20.31
N ALA A 341 8.41 7.48 -20.20
CA ALA A 341 9.10 6.95 -19.03
C ALA A 341 8.44 7.45 -17.76
N VAL A 342 8.29 6.53 -16.80
CA VAL A 342 7.81 6.89 -15.48
C VAL A 342 8.85 7.72 -14.75
N ASP A 343 8.40 8.76 -14.06
CA ASP A 343 9.27 9.68 -13.32
C ASP A 343 9.01 9.50 -11.82
N ILE A 344 9.90 8.78 -11.15
CA ILE A 344 9.70 8.43 -9.75
C ILE A 344 9.76 9.68 -8.88
N GLU A 345 10.75 10.56 -9.11
CA GLU A 345 10.87 11.79 -8.31
C GLU A 345 9.55 12.57 -8.32
N PHE A 346 8.98 12.77 -9.51
CA PHE A 346 7.73 13.49 -9.65
C PHE A 346 6.60 12.79 -8.91
N ILE A 347 6.54 11.47 -9.03
CA ILE A 347 5.44 10.74 -8.40
C ILE A 347 5.53 10.85 -6.88
N PHE A 348 6.72 10.62 -6.34
CA PHE A 348 6.89 10.71 -4.89
C PHE A 348 6.62 12.12 -4.39
N ASP A 349 7.11 13.14 -5.11
CA ASP A 349 6.90 14.53 -4.71
C ASP A 349 5.43 14.94 -4.84
N PHE A 350 4.75 14.46 -5.89
CA PHE A 350 3.32 14.70 -6.02
C PHE A 350 2.57 14.13 -4.82
N ILE A 351 2.89 12.90 -4.44
CA ILE A 351 2.20 12.28 -3.32
C ILE A 351 2.53 12.98 -2.00
N GLN A 352 3.78 13.42 -1.82
CA GLN A 352 4.10 14.16 -0.60
C GLN A 352 3.25 15.43 -0.51
N GLU A 353 3.21 16.19 -1.59
CA GLU A 353 2.53 17.47 -1.60
C GLU A 353 1.02 17.31 -1.46
N HIS A 354 0.42 16.39 -2.21
CA HIS A 354 -1.04 16.33 -2.23
C HIS A 354 -1.62 15.39 -1.19
N TYR A 355 -0.81 14.59 -0.50
CA TYR A 355 -1.42 13.64 0.45
C TYR A 355 -0.67 13.53 1.77
N ILE A 356 0.60 13.12 1.74
CA ILE A 356 1.31 12.92 2.99
C ILE A 356 1.41 14.24 3.77
N SER A 357 1.52 15.38 3.07
CA SER A 357 1.58 16.65 3.78
C SER A 357 0.22 17.12 4.32
N LYS A 358 -0.89 16.55 3.88
CA LYS A 358 -2.17 16.97 4.42
C LYS A 358 -2.61 16.11 5.59
N LEU A 359 -1.76 15.21 6.06
CA LEU A 359 -2.08 14.38 7.21
C LEU A 359 -1.95 15.17 8.52
#